data_5A4B
#
_entry.id   5A4B
#
_cell.length_a   38.390
_cell.length_b   46.630
_cell.length_c   69.860
_cell.angle_alpha   73.80
_cell.angle_beta   80.02
_cell.angle_gamma   75.05
#
_symmetry.space_group_name_H-M   'P 1'
#
loop_
_entity.id
_entity.type
_entity.pdbx_description
1 polymer 'HUMAN ALPHA-ACTININ-2'
2 water water
#
_entity_poly.entity_id   1
_entity_poly.type   'polypeptide(L)'
_entity_poly.pdbx_seq_one_letter_code
;YMIQEEEWDRDLLLDPAWEKQQRKTFTAWCNSHLRKAGTQIENIEEDFRNGLKLMLLLEVISGERLPKPDRGKMRFHKIA
NVNKALDYIASKGVKLVSIGTEEIVDGNVKMTLGMIWTIILRFAIQDISVEETSAKEGLLLWCQRKTAPYRNVNIQNFHT
SWKDGLGLCALIHRHRPDLIDYSKLNKDDPIGNINLAMEIAEKHLDIPKMLDAEDIVNTPKPDERAIMTYVSCFYHAFAG
AEQAETAA
;
_entity_poly.pdbx_strand_id   A,B
#
# COMPACT_ATOMS: atom_id res chain seq x y z
N ALA A 17 -21.00 9.64 -21.43
CA ALA A 17 -19.68 10.21 -20.98
C ALA A 17 -19.42 10.08 -19.45
N TRP A 18 -20.46 9.81 -18.67
CA TRP A 18 -20.33 9.72 -17.22
C TRP A 18 -19.53 8.50 -16.74
N GLU A 19 -19.66 7.37 -17.45
CA GLU A 19 -18.95 6.14 -17.09
C GLU A 19 -17.45 6.32 -17.26
N LYS A 20 -17.05 6.94 -18.36
CA LYS A 20 -15.64 7.24 -18.68
C LYS A 20 -14.99 8.06 -17.57
N GLN A 21 -15.66 9.14 -17.16
CA GLN A 21 -15.18 10.02 -16.11
C GLN A 21 -15.12 9.30 -14.77
N GLN A 22 -16.20 8.60 -14.41
CA GLN A 22 -16.22 7.85 -13.18
C GLN A 22 -15.15 6.78 -13.20
N ARG A 23 -14.96 6.14 -14.32
CA ARG A 23 -13.97 5.05 -14.36
C ARG A 23 -12.59 5.63 -14.05
N LYS A 24 -12.23 6.75 -14.64
CA LYS A 24 -10.92 7.36 -14.35
C LYS A 24 -10.80 7.80 -12.90
N THR A 25 -11.80 8.54 -12.41
CA THR A 25 -11.69 9.12 -11.08
C THR A 25 -11.76 8.08 -9.99
N PHE A 26 -12.73 7.17 -10.10
CA PHE A 26 -12.91 6.16 -9.09
C PHE A 26 -11.70 5.26 -9.00
N THR A 27 -11.09 4.95 -10.15
CA THR A 27 -9.92 4.09 -10.19
C THR A 27 -8.72 4.79 -9.54
N ALA A 28 -8.48 6.05 -9.94
CA ALA A 28 -7.46 6.88 -9.36
C ALA A 28 -7.65 7.01 -7.84
N TRP A 29 -8.89 7.20 -7.41
CA TRP A 29 -9.18 7.31 -5.99
C TRP A 29 -8.84 5.99 -5.25
N CYS A 30 -9.36 4.87 -5.77
CA CYS A 30 -9.07 3.55 -5.16
C CYS A 30 -7.57 3.35 -5.09
N ASN A 31 -6.88 3.77 -6.13
CA ASN A 31 -5.43 3.62 -6.19
C ASN A 31 -4.70 4.49 -5.18
N SER A 32 -5.27 5.65 -4.87
CA SER A 32 -4.68 6.55 -3.87
C SER A 32 -4.67 5.91 -2.47
N HIS A 33 -5.61 5.02 -2.20
CA HIS A 33 -5.64 4.26 -0.95
C HIS A 33 -4.92 2.89 -1.04
N LEU A 34 -5.11 2.17 -2.11
CA LEU A 34 -4.44 0.86 -2.30
C LEU A 34 -2.91 0.92 -2.23
N ARG A 35 -2.31 1.98 -2.73
CA ARG A 35 -0.84 2.14 -2.65
C ARG A 35 -0.32 2.08 -1.22
N LYS A 36 -1.11 2.51 -0.25
CA LYS A 36 -0.76 2.47 1.15
C LYS A 36 -0.69 1.03 1.68
N ALA A 37 -1.32 0.11 0.94
CA ALA A 37 -1.23 -1.31 1.19
C ALA A 37 -0.39 -2.08 0.14
N GLY A 38 0.41 -1.37 -0.64
CA GLY A 38 1.32 -2.03 -1.59
C GLY A 38 0.70 -2.63 -2.84
N THR A 39 -0.42 -2.11 -3.31
CA THR A 39 -0.99 -2.64 -4.55
C THR A 39 -1.80 -1.58 -5.28
N GLN A 40 -2.23 -1.92 -6.48
CA GLN A 40 -2.99 -1.02 -7.32
C GLN A 40 -4.02 -1.87 -8.04
N ILE A 41 -5.02 -1.20 -8.57
CA ILE A 41 -5.81 -1.76 -9.65
C ILE A 41 -5.53 -1.03 -10.95
N GLU A 42 -5.95 -1.63 -12.04
CA GLU A 42 -5.87 -1.00 -13.33
C GLU A 42 -7.25 -0.87 -13.98
N ASN A 43 -8.01 -1.95 -14.01
CA ASN A 43 -9.27 -2.01 -14.77
C ASN A 43 -10.36 -2.31 -13.80
N ILE A 44 -11.08 -1.27 -13.41
CA ILE A 44 -12.00 -1.36 -12.29
C ILE A 44 -13.16 -2.35 -12.56
N GLU A 45 -13.52 -2.48 -13.82
CA GLU A 45 -14.61 -3.35 -14.27
C GLU A 45 -14.28 -4.84 -14.08
N GLU A 46 -13.00 -5.18 -13.85
CA GLU A 46 -12.59 -6.56 -13.55
C GLU A 46 -11.77 -6.74 -12.31
N ASP A 47 -11.11 -5.69 -11.81
CA ASP A 47 -10.10 -5.88 -10.74
C ASP A 47 -10.66 -6.01 -9.32
N PHE A 48 -11.97 -5.86 -9.15
CA PHE A 48 -12.64 -6.07 -7.88
C PHE A 48 -13.55 -7.31 -7.87
N ARG A 49 -13.68 -8.01 -9.01
CA ARG A 49 -14.57 -9.19 -9.19
C ARG A 49 -14.42 -10.26 -8.13
N ASN A 50 -13.17 -10.52 -7.75
CA ASN A 50 -12.84 -11.54 -6.78
C ASN A 50 -12.89 -11.10 -5.33
N GLY A 51 -13.16 -9.82 -5.11
CA GLY A 51 -13.31 -9.29 -3.76
C GLY A 51 -12.03 -8.95 -3.00
N LEU A 52 -10.86 -9.32 -3.51
CA LEU A 52 -9.63 -9.28 -2.71
C LEU A 52 -9.16 -7.90 -2.42
N LYS A 53 -8.98 -7.13 -3.49
CA LYS A 53 -8.57 -5.74 -3.38
C LYS A 53 -9.69 -4.84 -2.94
N LEU A 54 -10.94 -5.28 -3.12
CA LEU A 54 -12.10 -4.55 -2.63
C LEU A 54 -12.10 -4.58 -1.09
N MET A 55 -11.92 -5.76 -0.53
CA MET A 55 -11.72 -5.92 0.90
C MET A 55 -10.53 -5.11 1.42
N LEU A 56 -9.44 -5.10 0.68
CA LEU A 56 -8.25 -4.43 1.12
C LEU A 56 -8.50 -2.92 1.15
N LEU A 57 -9.19 -2.43 0.13
CA LEU A 57 -9.56 -1.01 0.03
C LEU A 57 -10.34 -0.56 1.27
N LEU A 58 -11.29 -1.38 1.69
CA LEU A 58 -12.13 -1.07 2.83
C LEU A 58 -11.29 -1.04 4.10
N GLU A 59 -10.35 -1.96 4.25
CA GLU A 59 -9.45 -1.97 5.41
C GLU A 59 -8.63 -0.70 5.50
N VAL A 60 -8.03 -0.31 4.38
CA VAL A 60 -7.18 0.89 4.32
C VAL A 60 -7.97 2.15 4.68
N ILE A 61 -9.17 2.32 4.09
CA ILE A 61 -9.92 3.56 4.26
C ILE A 61 -10.62 3.65 5.59
N SER A 62 -10.93 2.50 6.17
CA SER A 62 -11.60 2.44 7.44
C SER A 62 -10.62 2.38 8.61
N GLY A 63 -9.45 1.79 8.38
CA GLY A 63 -8.55 1.37 9.49
C GLY A 63 -9.08 0.17 10.29
N GLU A 64 -10.11 -0.50 9.81
CA GLU A 64 -10.66 -1.67 10.49
C GLU A 64 -10.22 -2.94 9.78
N ARG A 65 -10.20 -4.05 10.51
CA ARG A 65 -9.83 -5.36 9.95
C ARG A 65 -11.09 -6.01 9.45
N LEU A 66 -11.05 -6.49 8.22
CA LEU A 66 -12.12 -7.33 7.67
C LEU A 66 -11.74 -8.81 7.94
N PRO A 67 -12.69 -9.76 7.72
CA PRO A 67 -12.37 -11.18 7.84
C PRO A 67 -11.36 -11.61 6.80
N LYS A 68 -10.67 -12.70 7.07
CA LYS A 68 -9.59 -13.10 6.22
C LYS A 68 -10.12 -13.45 4.82
N PRO A 69 -9.42 -12.98 3.77
CA PRO A 69 -9.86 -13.27 2.41
C PRO A 69 -9.64 -14.75 1.99
N ASP A 70 -10.42 -15.17 0.99
CA ASP A 70 -10.31 -16.46 0.37
C ASP A 70 -9.62 -16.27 -0.99
N ARG A 71 -8.47 -16.93 -1.17
CA ARG A 71 -7.67 -16.76 -2.40
C ARG A 71 -7.95 -17.83 -3.47
N GLY A 72 -8.92 -18.70 -3.23
CA GLY A 72 -9.47 -19.60 -4.25
C GLY A 72 -9.98 -18.85 -5.47
N LYS A 73 -9.86 -19.46 -6.60
CA LYS A 73 -10.10 -18.81 -7.90
C LYS A 73 -11.51 -19.01 -8.46
N MET A 74 -12.29 -19.94 -7.90
CA MET A 74 -13.66 -20.22 -8.33
C MET A 74 -14.68 -19.15 -7.89
N ARG A 75 -15.81 -19.15 -8.58
CA ARG A 75 -16.86 -18.17 -8.35
C ARG A 75 -17.28 -18.10 -6.86
N PHE A 76 -17.43 -19.25 -6.23
CA PHE A 76 -17.91 -19.31 -4.84
C PHE A 76 -17.00 -18.63 -3.82
N HIS A 77 -15.70 -18.70 -4.05
CA HIS A 77 -14.70 -17.99 -3.26
C HIS A 77 -14.82 -16.48 -3.43
N LYS A 78 -15.10 -16.07 -4.66
CA LYS A 78 -15.27 -14.66 -4.99
C LYS A 78 -16.53 -14.08 -4.36
N ILE A 79 -17.63 -14.80 -4.50
CA ILE A 79 -18.87 -14.46 -3.79
C ILE A 79 -18.64 -14.27 -2.27
N ALA A 80 -17.92 -15.19 -1.62
CA ALA A 80 -17.55 -15.08 -0.21
C ALA A 80 -16.77 -13.80 0.15
N ASN A 81 -15.75 -13.49 -0.63
CA ASN A 81 -14.99 -12.21 -0.48
C ASN A 81 -15.81 -10.91 -0.69
N VAL A 82 -16.60 -10.90 -1.76
CA VAL A 82 -17.43 -9.78 -2.08
C VAL A 82 -18.48 -9.58 -0.98
N ASN A 83 -18.98 -10.69 -0.44
CA ASN A 83 -19.91 -10.60 0.69
C ASN A 83 -19.22 -10.08 1.96
N LYS A 84 -17.98 -10.48 2.18
CA LYS A 84 -17.22 -9.89 3.29
C LYS A 84 -17.18 -8.37 3.10
N ALA A 85 -16.89 -7.91 1.87
CA ALA A 85 -16.91 -6.46 1.55
C ALA A 85 -18.27 -5.80 1.76
N LEU A 86 -19.30 -6.31 1.12
CA LEU A 86 -20.61 -5.72 1.18
C LEU A 86 -21.26 -5.80 2.58
N ASP A 87 -21.05 -6.91 3.29
CA ASP A 87 -21.52 -7.04 4.68
C ASP A 87 -20.86 -6.01 5.55
N TYR A 88 -19.56 -5.79 5.35
CA TYR A 88 -18.83 -4.75 6.09
C TYR A 88 -19.40 -3.36 5.84
N ILE A 89 -19.60 -3.05 4.57
CA ILE A 89 -20.16 -1.77 4.16
C ILE A 89 -21.54 -1.59 4.77
N ALA A 90 -22.36 -2.66 4.78
CA ALA A 90 -23.71 -2.57 5.35
C ALA A 90 -23.66 -2.38 6.88
N SER A 91 -22.62 -2.94 7.51
CA SER A 91 -22.37 -2.75 8.94
C SER A 91 -22.05 -1.28 9.31
N LYS A 92 -21.63 -0.50 8.32
CA LYS A 92 -21.33 0.93 8.49
C LYS A 92 -22.48 1.85 8.11
N GLY A 93 -23.69 1.29 8.05
CA GLY A 93 -24.90 2.06 7.86
C GLY A 93 -25.18 2.37 6.41
N VAL A 94 -24.57 1.63 5.50
CA VAL A 94 -24.77 1.81 4.06
C VAL A 94 -25.87 0.82 3.64
N LYS A 95 -27.00 1.34 3.17
CA LYS A 95 -28.11 0.49 2.70
C LYS A 95 -27.90 0.22 1.22
N LEU A 96 -27.48 -1.00 0.92
CA LEU A 96 -27.30 -1.48 -0.45
C LEU A 96 -28.64 -1.86 -1.03
N VAL A 97 -29.12 -1.09 -2.00
CA VAL A 97 -30.43 -1.37 -2.58
C VAL A 97 -30.27 -2.35 -3.74
N SER A 98 -29.70 -1.88 -4.85
CA SER A 98 -29.60 -2.66 -6.08
C SER A 98 -28.17 -3.19 -6.37
N ILE A 99 -27.21 -2.90 -5.49
CA ILE A 99 -25.87 -3.52 -5.56
C ILE A 99 -25.98 -4.94 -5.02
N GLY A 100 -25.62 -5.92 -5.86
CA GLY A 100 -25.70 -7.35 -5.56
C GLY A 100 -24.38 -8.08 -5.80
N THR A 101 -24.02 -8.97 -4.88
CA THR A 101 -22.76 -9.70 -4.89
C THR A 101 -22.47 -10.39 -6.21
N GLU A 102 -23.50 -11.01 -6.79
CA GLU A 102 -23.40 -11.87 -7.98
C GLU A 102 -22.94 -11.04 -9.16
N GLU A 103 -23.55 -9.88 -9.31
CA GLU A 103 -23.22 -8.98 -10.42
C GLU A 103 -21.87 -8.30 -10.24
N ILE A 104 -21.46 -8.04 -9.00
CA ILE A 104 -20.08 -7.59 -8.78
C ILE A 104 -19.10 -8.72 -9.15
N VAL A 105 -19.42 -9.94 -8.74
CA VAL A 105 -18.56 -11.06 -9.02
C VAL A 105 -18.55 -11.32 -10.52
N ASP A 106 -19.71 -11.22 -11.17
CA ASP A 106 -19.81 -11.52 -12.60
C ASP A 106 -19.25 -10.43 -13.48
N GLY A 107 -19.30 -9.17 -13.02
CA GLY A 107 -18.55 -8.07 -13.60
C GLY A 107 -19.26 -6.81 -14.13
N ASN A 108 -20.47 -6.57 -13.68
CA ASN A 108 -21.31 -5.46 -14.15
C ASN A 108 -20.63 -4.08 -13.94
N VAL A 109 -20.41 -3.38 -15.06
CA VAL A 109 -19.67 -2.11 -15.10
C VAL A 109 -20.38 -1.02 -14.30
N LYS A 110 -21.67 -0.81 -14.61
CA LYS A 110 -22.50 0.19 -13.89
C LYS A 110 -22.54 -0.02 -12.39
N MET A 111 -22.78 -1.26 -11.98
CA MET A 111 -22.99 -1.57 -10.60
C MET A 111 -21.68 -1.46 -9.81
N THR A 112 -20.56 -1.86 -10.47
CA THR A 112 -19.22 -1.76 -9.88
C THR A 112 -18.92 -0.30 -9.58
N LEU A 113 -19.17 0.55 -10.58
CA LEU A 113 -19.01 1.98 -10.40
C LEU A 113 -19.90 2.51 -9.25
N GLY A 114 -21.17 2.15 -9.25
CA GLY A 114 -22.07 2.53 -8.16
C GLY A 114 -21.64 2.07 -6.76
N MET A 115 -21.09 0.85 -6.67
CA MET A 115 -20.57 0.30 -5.41
C MET A 115 -19.40 1.10 -4.91
N ILE A 116 -18.45 1.39 -5.79
CA ILE A 116 -17.33 2.25 -5.45
C ILE A 116 -17.79 3.67 -5.10
N TRP A 117 -18.82 4.18 -5.77
CA TRP A 117 -19.36 5.48 -5.39
C TRP A 117 -19.86 5.46 -3.95
N THR A 118 -20.60 4.41 -3.63
CA THR A 118 -21.13 4.21 -2.29
C THR A 118 -20.03 4.17 -1.20
N ILE A 119 -18.92 3.51 -1.50
CA ILE A 119 -17.77 3.49 -0.60
C ILE A 119 -17.11 4.89 -0.45
N ILE A 120 -16.95 5.58 -1.56
CA ILE A 120 -16.39 6.94 -1.57
C ILE A 120 -17.29 7.83 -0.73
N LEU A 121 -18.60 7.77 -0.98
CA LEU A 121 -19.56 8.57 -0.22
C LEU A 121 -19.46 8.29 1.28
N ARG A 122 -19.49 7.01 1.66
CA ARG A 122 -19.46 6.61 3.04
C ARG A 122 -18.16 7.01 3.75
N PHE A 123 -17.02 6.82 3.08
CA PHE A 123 -15.72 6.91 3.73
C PHE A 123 -14.91 8.14 3.46
N ALA A 124 -15.12 8.79 2.33
CA ALA A 124 -14.43 10.03 2.01
C ALA A 124 -15.30 11.27 2.25
N ILE A 125 -16.62 11.13 2.16
CA ILE A 125 -17.53 12.28 2.18
C ILE A 125 -18.48 12.34 3.39
N GLN A 126 -19.10 11.22 3.78
CA GLN A 126 -20.18 11.23 4.78
C GLN A 126 -19.80 11.96 6.06
N ASP A 127 -18.58 11.73 6.54
CA ASP A 127 -18.10 12.26 7.81
C ASP A 127 -17.56 13.70 7.74
N ILE A 128 -17.53 14.31 6.55
CA ILE A 128 -17.15 15.72 6.41
C ILE A 128 -18.27 16.49 7.09
N SER A 129 -17.90 17.34 8.03
CA SER A 129 -18.89 18.13 8.80
C SER A 129 -18.38 19.55 8.95
N VAL A 130 -19.12 20.49 8.37
CA VAL A 130 -18.79 21.91 8.36
C VAL A 130 -20.02 22.74 8.76
N GLU A 131 -19.91 23.47 9.87
CA GLU A 131 -21.01 24.32 10.36
C GLU A 131 -22.35 23.59 10.34
N GLU A 132 -22.41 22.48 11.09
CA GLU A 132 -23.61 21.65 11.30
C GLU A 132 -24.19 21.05 10.02
N THR A 133 -23.35 20.95 8.98
CA THR A 133 -23.75 20.51 7.65
C THR A 133 -22.79 19.39 7.25
N SER A 134 -23.35 18.26 6.83
CA SER A 134 -22.55 17.05 6.64
C SER A 134 -22.57 16.58 5.19
N ALA A 135 -21.61 15.73 4.85
CA ALA A 135 -21.58 15.00 3.57
C ALA A 135 -21.42 15.93 2.34
N LYS A 136 -22.12 15.65 1.24
CA LYS A 136 -22.09 16.50 0.05
C LYS A 136 -22.32 17.98 0.38
N GLU A 137 -23.35 18.26 1.19
CA GLU A 137 -23.76 19.61 1.54
C GLU A 137 -22.66 20.29 2.34
N GLY A 138 -22.05 19.53 3.25
CA GLY A 138 -20.95 19.98 4.06
C GLY A 138 -19.69 20.25 3.27
N LEU A 139 -19.35 19.34 2.35
CA LEU A 139 -18.26 19.58 1.41
C LEU A 139 -18.53 20.81 0.56
N LEU A 140 -19.77 20.96 0.09
CA LEU A 140 -20.12 22.12 -0.74
C LEU A 140 -19.91 23.45 -0.04
N LEU A 141 -20.33 23.51 1.24
CA LEU A 141 -20.22 24.69 2.06
C LEU A 141 -18.75 25.07 2.29
N TRP A 142 -17.96 24.08 2.70
CA TRP A 142 -16.50 24.27 2.85
C TRP A 142 -15.92 24.88 1.55
N CYS A 143 -16.25 24.33 0.40
CA CYS A 143 -15.78 24.88 -0.87
C CYS A 143 -16.15 26.35 -1.04
N GLN A 144 -17.43 26.66 -0.79
CA GLN A 144 -17.96 28.02 -0.88
C GLN A 144 -17.21 28.98 0.04
N ARG A 145 -16.99 28.54 1.28
CA ARG A 145 -16.22 29.29 2.27
C ARG A 145 -14.79 29.56 1.80
N LYS A 146 -14.12 28.52 1.33
CA LYS A 146 -12.72 28.66 0.91
C LYS A 146 -12.56 29.47 -0.36
N THR A 147 -13.59 29.46 -1.21
CA THR A 147 -13.55 30.20 -2.47
C THR A 147 -14.31 31.55 -2.48
N ALA A 148 -14.91 31.94 -1.35
CA ALA A 148 -15.65 33.23 -1.28
C ALA A 148 -14.84 34.45 -1.79
N PRO A 149 -13.57 34.61 -1.35
CA PRO A 149 -12.77 35.73 -1.89
C PRO A 149 -12.56 35.79 -3.42
N TYR A 150 -12.86 34.73 -4.16
CA TYR A 150 -12.48 34.64 -5.57
C TYR A 150 -13.67 35.01 -6.46
N ARG A 151 -13.63 36.22 -7.04
CA ARG A 151 -14.77 36.76 -7.79
C ARG A 151 -15.06 36.06 -9.11
N ASN A 152 -14.03 35.48 -9.71
CA ASN A 152 -14.18 34.64 -10.92
C ASN A 152 -14.51 33.15 -10.62
N VAL A 153 -14.97 32.86 -9.39
CA VAL A 153 -15.37 31.51 -8.98
C VAL A 153 -16.73 31.61 -8.31
N ASN A 154 -17.65 30.71 -8.64
CA ASN A 154 -18.96 30.67 -7.99
C ASN A 154 -19.40 29.22 -7.81
N ILE A 155 -19.04 28.61 -6.67
CA ILE A 155 -19.38 27.22 -6.39
C ILE A 155 -20.84 27.06 -5.96
N GLN A 156 -21.66 26.48 -6.84
CA GLN A 156 -23.07 26.19 -6.58
C GLN A 156 -23.41 24.70 -6.53
N ASN A 157 -22.46 23.88 -6.96
CA ASN A 157 -22.71 22.48 -7.25
C ASN A 157 -21.34 21.79 -7.44
N PHE A 158 -21.40 20.51 -7.74
CA PHE A 158 -20.22 19.72 -8.02
C PHE A 158 -20.11 19.29 -9.46
N HIS A 159 -20.57 20.13 -10.39
CA HIS A 159 -20.39 19.86 -11.83
C HIS A 159 -19.94 21.14 -12.57
N THR A 160 -20.90 21.94 -13.01
CA THR A 160 -20.64 23.07 -13.90
C THR A 160 -19.78 24.12 -13.22
N SER A 161 -19.95 24.27 -11.91
CA SER A 161 -19.12 25.22 -11.16
C SER A 161 -17.64 24.94 -11.11
N TRP A 162 -17.22 23.72 -11.45
CA TRP A 162 -15.82 23.32 -11.46
C TRP A 162 -15.22 23.19 -12.87
N LYS A 163 -16.07 23.25 -13.91
CA LYS A 163 -15.69 23.06 -15.32
C LYS A 163 -14.48 23.82 -15.82
N ASP A 164 -14.35 25.08 -15.40
CA ASP A 164 -13.31 25.95 -15.94
C ASP A 164 -11.97 25.96 -15.18
N GLY A 165 -11.82 25.14 -14.14
CA GLY A 165 -10.55 24.96 -13.44
C GLY A 165 -10.24 25.94 -12.33
N LEU A 166 -11.01 27.02 -12.25
CA LEU A 166 -10.68 28.08 -11.31
C LEU A 166 -11.03 27.69 -9.89
N GLY A 167 -12.16 27.01 -9.69
CA GLY A 167 -12.51 26.47 -8.37
C GLY A 167 -11.37 25.66 -7.73
N LEU A 168 -10.78 24.77 -8.51
CA LEU A 168 -9.68 23.92 -8.01
C LEU A 168 -8.43 24.74 -7.74
N CYS A 169 -8.11 25.66 -8.65
CA CYS A 169 -6.93 26.51 -8.49
C CYS A 169 -7.11 27.43 -7.26
N ALA A 170 -8.35 27.85 -7.01
CA ALA A 170 -8.68 28.69 -5.84
C ALA A 170 -8.57 27.95 -4.52
N LEU A 171 -8.99 26.68 -4.49
CA LEU A 171 -8.82 25.87 -3.28
C LEU A 171 -7.37 25.69 -2.89
N ILE A 172 -6.52 25.55 -3.90
CA ILE A 172 -5.08 25.40 -3.70
C ILE A 172 -4.54 26.73 -3.21
N HIS A 173 -4.81 27.78 -3.97
CA HIS A 173 -4.34 29.12 -3.65
C HIS A 173 -4.75 29.58 -2.26
N ARG A 174 -5.97 29.23 -1.84
CA ARG A 174 -6.47 29.64 -0.53
C ARG A 174 -5.62 29.10 0.62
N HIS A 175 -5.19 27.85 0.50
CA HIS A 175 -4.40 27.21 1.54
C HIS A 175 -2.89 27.38 1.32
N ARG A 176 -2.48 27.44 0.06
CA ARG A 176 -1.09 27.40 -0.35
C ARG A 176 -0.88 28.40 -1.48
N PRO A 177 -0.95 29.71 -1.16
CA PRO A 177 -0.69 30.74 -2.17
C PRO A 177 0.72 30.67 -2.77
N ASP A 178 1.66 30.08 -2.03
CA ASP A 178 3.02 29.83 -2.53
C ASP A 178 3.12 28.87 -3.72
N LEU A 179 2.09 28.05 -3.98
CA LEU A 179 2.12 27.07 -5.07
C LEU A 179 1.59 27.57 -6.39
N ILE A 180 0.85 28.67 -6.37
CA ILE A 180 0.12 29.14 -7.55
C ILE A 180 -0.05 30.66 -7.51
N ASP A 181 0.18 31.28 -8.65
CA ASP A 181 -0.11 32.69 -8.90
C ASP A 181 -1.51 32.72 -9.49
N TYR A 182 -2.50 32.92 -8.62
CA TYR A 182 -3.90 32.88 -9.03
C TYR A 182 -4.29 34.05 -9.95
N SER A 183 -3.72 35.23 -9.69
CA SER A 183 -4.03 36.45 -10.44
C SER A 183 -3.74 36.33 -11.95
N LYS A 184 -2.79 35.48 -12.31
CA LYS A 184 -2.52 35.18 -13.73
C LYS A 184 -3.65 34.40 -14.43
N LEU A 185 -4.51 33.74 -13.67
CA LEU A 185 -5.48 32.79 -14.24
C LEU A 185 -6.76 33.46 -14.69
N ASN A 186 -7.38 32.89 -15.71
CA ASN A 186 -8.70 33.31 -16.14
C ASN A 186 -9.48 32.17 -16.82
N LYS A 187 -10.69 32.48 -17.24
CA LYS A 187 -11.60 31.53 -17.86
C LYS A 187 -11.24 31.05 -19.29
N ASP A 188 -10.21 31.64 -19.93
CA ASP A 188 -9.94 31.41 -21.36
C ASP A 188 -9.40 30.05 -21.72
N ASP A 189 -8.75 29.42 -20.75
CA ASP A 189 -8.06 28.14 -20.91
C ASP A 189 -8.52 27.20 -19.78
N PRO A 190 -9.72 26.58 -19.94
CA PRO A 190 -10.25 25.72 -18.87
C PRO A 190 -9.45 24.41 -18.73
N ILE A 191 -9.01 23.85 -19.86
CA ILE A 191 -8.21 22.61 -19.86
C ILE A 191 -6.88 22.85 -19.12
N GLY A 192 -6.25 23.97 -19.40
CA GLY A 192 -5.00 24.34 -18.77
C GLY A 192 -5.12 24.53 -17.28
N ASN A 193 -6.19 25.19 -16.85
CA ASN A 193 -6.42 25.47 -15.43
C ASN A 193 -6.60 24.18 -14.65
N ILE A 194 -7.35 23.24 -15.24
CA ILE A 194 -7.62 21.98 -14.55
C ILE A 194 -6.30 21.21 -14.42
N ASN A 195 -5.57 21.11 -15.53
CA ASN A 195 -4.28 20.40 -15.53
C ASN A 195 -3.28 21.01 -14.59
N LEU A 196 -3.21 22.34 -14.61
CA LEU A 196 -2.37 23.09 -13.67
C LEU A 196 -2.67 22.66 -12.23
N ALA A 197 -3.96 22.71 -11.87
CA ALA A 197 -4.42 22.37 -10.53
C ALA A 197 -4.07 20.93 -10.15
N MET A 198 -4.33 20.02 -11.07
CA MET A 198 -4.02 18.60 -10.86
C MET A 198 -2.52 18.35 -10.78
N GLU A 199 -1.72 19.13 -11.51
CA GLU A 199 -0.27 18.99 -11.48
C GLU A 199 0.27 19.46 -10.15
N ILE A 200 -0.21 20.60 -9.67
CA ILE A 200 0.22 21.14 -8.38
C ILE A 200 -0.15 20.19 -7.26
N ALA A 201 -1.40 19.70 -7.30
CA ALA A 201 -1.91 18.84 -6.23
C ALA A 201 -1.14 17.53 -6.18
N GLU A 202 -0.85 16.95 -7.35
CA GLU A 202 -0.05 15.73 -7.43
C GLU A 202 1.35 15.94 -6.86
N LYS A 203 2.02 16.97 -7.36
CA LYS A 203 3.41 17.24 -7.01
C LYS A 203 3.63 17.64 -5.55
N HIS A 204 2.69 18.38 -4.98
CA HIS A 204 2.88 19.01 -3.68
C HIS A 204 1.94 18.54 -2.58
N LEU A 205 0.73 18.09 -2.94
CA LEU A 205 -0.28 17.75 -1.93
C LEU A 205 -0.58 16.23 -1.83
N ASP A 206 0.15 15.43 -2.60
CA ASP A 206 -0.01 13.99 -2.63
C ASP A 206 -1.46 13.58 -3.00
N ILE A 207 -1.98 14.21 -4.04
CA ILE A 207 -3.30 13.86 -4.56
C ILE A 207 -3.10 13.48 -6.01
N PRO A 208 -3.25 12.20 -6.35
CA PRO A 208 -3.10 11.83 -7.76
C PRO A 208 -4.06 12.59 -8.66
N LYS A 209 -3.74 12.64 -9.94
CA LYS A 209 -4.56 13.32 -10.92
C LYS A 209 -5.75 12.41 -11.20
N MET A 210 -6.94 12.81 -10.77
CA MET A 210 -8.10 11.93 -10.84
C MET A 210 -9.09 12.30 -11.92
N LEU A 211 -8.99 13.51 -12.48
CA LEU A 211 -9.85 13.97 -13.57
C LEU A 211 -9.14 13.92 -14.92
N ASP A 212 -9.87 13.66 -15.98
CA ASP A 212 -9.44 14.01 -17.33
C ASP A 212 -10.02 15.37 -17.69
N ALA A 213 -9.19 16.40 -17.73
CA ALA A 213 -9.59 17.74 -18.13
C ALA A 213 -10.44 17.75 -19.40
N GLU A 214 -10.08 16.94 -20.40
CA GLU A 214 -10.77 16.94 -21.71
C GLU A 214 -12.25 16.59 -21.59
N ASP A 215 -12.54 15.48 -20.87
CA ASP A 215 -13.90 15.08 -20.54
C ASP A 215 -14.65 16.20 -19.78
N ILE A 216 -14.02 16.80 -18.77
CA ILE A 216 -14.70 17.80 -17.92
C ILE A 216 -15.17 19.02 -18.75
N VAL A 217 -14.27 19.55 -19.57
CA VAL A 217 -14.52 20.75 -20.37
C VAL A 217 -15.50 20.49 -21.53
N ASN A 218 -15.36 19.37 -22.23
CA ASN A 218 -16.13 19.09 -23.46
C ASN A 218 -17.54 18.54 -23.28
N THR A 219 -18.07 18.59 -22.06
CA THR A 219 -19.40 18.11 -21.74
C THR A 219 -20.11 19.28 -21.09
N PRO A 220 -21.35 19.56 -21.49
CA PRO A 220 -22.17 20.58 -20.83
C PRO A 220 -22.15 20.48 -19.31
N LYS A 221 -22.39 19.29 -18.79
CA LYS A 221 -22.43 19.07 -17.35
C LYS A 221 -21.54 17.89 -17.03
N PRO A 222 -20.35 18.15 -16.48
CA PRO A 222 -19.54 17.02 -16.06
C PRO A 222 -20.13 16.19 -14.89
N ASP A 223 -19.60 14.99 -14.72
CA ASP A 223 -20.06 14.05 -13.69
C ASP A 223 -19.75 14.52 -12.28
N GLU A 224 -20.79 14.68 -11.47
CA GLU A 224 -20.65 15.22 -10.14
C GLU A 224 -20.08 14.25 -9.10
N ARG A 225 -20.27 12.96 -9.32
CA ARG A 225 -19.70 11.98 -8.39
C ARG A 225 -18.18 12.00 -8.50
N ALA A 226 -17.69 11.99 -9.73
CA ALA A 226 -16.27 12.08 -9.96
C ALA A 226 -15.71 13.38 -9.38
N ILE A 227 -16.34 14.50 -9.69
CA ILE A 227 -15.84 15.80 -9.22
C ILE A 227 -15.80 15.81 -7.71
N MET A 228 -16.88 15.41 -7.08
CA MET A 228 -16.95 15.32 -5.62
C MET A 228 -15.85 14.47 -5.04
N THR A 229 -15.63 13.31 -5.65
CA THR A 229 -14.56 12.37 -5.24
C THR A 229 -13.19 13.13 -5.15
N TYR A 230 -12.88 13.88 -6.21
CA TYR A 230 -11.58 14.55 -6.33
C TYR A 230 -11.47 15.73 -5.33
N VAL A 231 -12.54 16.52 -5.28
CA VAL A 231 -12.64 17.67 -4.36
C VAL A 231 -12.56 17.22 -2.90
N SER A 232 -13.10 16.04 -2.59
CA SER A 232 -12.98 15.50 -1.23
C SER A 232 -11.51 15.26 -0.81
N CYS A 233 -10.63 14.96 -1.76
CA CYS A 233 -9.19 14.81 -1.48
C CYS A 233 -8.59 16.11 -1.00
N PHE A 234 -8.99 17.23 -1.61
CA PHE A 234 -8.49 18.54 -1.23
C PHE A 234 -8.96 18.84 0.18
N TYR A 235 -10.24 18.55 0.45
CA TYR A 235 -10.78 18.70 1.79
C TYR A 235 -9.92 17.95 2.77
N HIS A 236 -9.66 16.66 2.53
CA HIS A 236 -8.86 15.86 3.46
C HIS A 236 -7.39 16.27 3.51
N ALA A 237 -6.83 16.64 2.37
CA ALA A 237 -5.43 17.06 2.34
C ALA A 237 -5.20 18.28 3.23
N PHE A 238 -6.12 19.24 3.19
CA PHE A 238 -5.98 20.49 3.95
C PHE A 238 -6.37 20.44 5.44
N ALA A 239 -7.50 19.82 5.79
CA ALA A 239 -7.80 19.54 7.23
C ALA A 239 -6.91 18.43 7.80
N ALA B 17 27.78 -4.15 -2.47
CA ALA B 17 26.71 -5.08 -2.97
C ALA B 17 25.68 -5.45 -1.90
N TRP B 18 26.13 -5.69 -0.67
CA TRP B 18 25.27 -6.13 0.42
C TRP B 18 24.23 -5.08 0.83
N GLU B 19 24.65 -3.82 0.89
CA GLU B 19 23.74 -2.71 1.26
C GLU B 19 22.56 -2.61 0.32
N LYS B 20 22.86 -2.67 -0.98
CA LYS B 20 21.87 -2.63 -2.04
C LYS B 20 20.81 -3.73 -1.88
N GLN B 21 21.24 -4.97 -1.58
CA GLN B 21 20.32 -6.09 -1.41
C GLN B 21 19.49 -5.97 -0.12
N GLN B 22 20.14 -5.55 0.96
CA GLN B 22 19.46 -5.35 2.24
C GLN B 22 18.48 -4.23 2.14
N ARG B 23 18.81 -3.15 1.44
CA ARG B 23 17.87 -2.06 1.27
C ARG B 23 16.63 -2.56 0.52
N LYS B 24 16.81 -3.24 -0.60
CA LYS B 24 15.62 -3.76 -1.34
C LYS B 24 14.84 -4.72 -0.48
N THR B 25 15.52 -5.71 0.10
CA THR B 25 14.80 -6.76 0.84
C THR B 25 14.20 -6.28 2.14
N PHE B 26 14.96 -5.55 2.94
CA PHE B 26 14.44 -5.05 4.21
C PHE B 26 13.26 -4.11 4.01
N THR B 27 13.33 -3.24 3.00
CA THR B 27 12.24 -2.32 2.70
C THR B 27 10.97 -3.09 2.31
N ALA B 28 11.12 -4.09 1.44
CA ALA B 28 9.94 -4.82 0.98
C ALA B 28 9.37 -5.67 2.12
N TRP B 29 10.23 -6.21 2.99
CA TRP B 29 9.78 -6.93 4.17
C TRP B 29 9.00 -5.99 5.10
N CYS B 30 9.56 -4.80 5.36
CA CYS B 30 8.88 -3.82 6.22
C CYS B 30 7.53 -3.47 5.60
N ASN B 31 7.50 -3.32 4.29
CA ASN B 31 6.26 -3.01 3.59
C ASN B 31 5.24 -4.17 3.59
N SER B 32 5.72 -5.40 3.61
CA SER B 32 4.84 -6.54 3.74
C SER B 32 4.03 -6.55 5.06
N HIS B 33 4.57 -5.91 6.10
CA HIS B 33 3.85 -5.70 7.33
C HIS B 33 3.15 -4.35 7.42
N LEU B 34 3.84 -3.27 7.09
CA LEU B 34 3.23 -1.94 7.18
C LEU B 34 1.91 -1.83 6.39
N ARG B 35 1.80 -2.55 5.28
CA ARG B 35 0.52 -2.58 4.53
C ARG B 35 -0.69 -2.94 5.39
N LYS B 36 -0.51 -3.78 6.41
CA LYS B 36 -1.57 -4.14 7.38
C LYS B 36 -2.04 -2.93 8.23
N ALA B 37 -1.19 -1.93 8.37
CA ALA B 37 -1.54 -0.69 9.05
C ALA B 37 -1.73 0.51 8.07
N GLY B 38 -2.04 0.24 6.82
CA GLY B 38 -2.33 1.30 5.85
C GLY B 38 -1.22 2.29 5.53
N THR B 39 0.03 1.84 5.53
CA THR B 39 1.11 2.72 5.06
C THR B 39 2.26 1.90 4.48
N GLN B 40 3.09 2.57 3.70
CA GLN B 40 4.29 1.98 3.16
C GLN B 40 5.44 2.92 3.39
N ILE B 41 6.65 2.40 3.28
CA ILE B 41 7.84 3.22 3.16
C ILE B 41 8.46 3.06 1.78
N GLU B 42 9.30 4.01 1.40
CA GLU B 42 9.95 3.97 0.14
C GLU B 42 11.47 4.02 0.30
N ASN B 43 11.97 4.91 1.16
CA ASN B 43 13.41 5.09 1.32
C ASN B 43 13.77 4.80 2.75
N ILE B 44 14.29 3.60 2.97
CA ILE B 44 14.52 3.12 4.32
C ILE B 44 15.54 3.98 5.10
N GLU B 45 16.46 4.58 4.38
CA GLU B 45 17.51 5.41 4.95
C GLU B 45 16.96 6.72 5.54
N GLU B 46 15.71 7.07 5.19
CA GLU B 46 15.08 8.28 5.74
C GLU B 46 13.71 8.10 6.36
N ASP B 47 12.97 7.05 5.96
CA ASP B 47 11.57 6.91 6.35
C ASP B 47 11.29 6.36 7.76
N PHE B 48 12.33 5.98 8.48
CA PHE B 48 12.21 5.55 9.91
C PHE B 48 12.85 6.49 10.90
N ARG B 49 13.49 7.54 10.42
CA ARG B 49 14.32 8.38 11.29
C ARG B 49 13.45 9.20 12.31
N ASN B 50 12.16 9.42 12.01
CA ASN B 50 11.21 10.01 12.97
C ASN B 50 10.52 9.02 13.91
N GLY B 51 10.83 7.73 13.76
CA GLY B 51 10.32 6.73 14.65
C GLY B 51 8.89 6.26 14.42
N LEU B 52 8.08 7.00 13.67
CA LEU B 52 6.64 6.77 13.61
C LEU B 52 6.27 5.45 12.98
N LYS B 53 6.78 5.24 11.76
CA LYS B 53 6.46 4.03 11.00
C LYS B 53 7.25 2.85 11.54
N LEU B 54 8.35 3.15 12.27
CA LEU B 54 9.14 2.13 12.98
C LEU B 54 8.36 1.54 14.13
N MET B 55 7.76 2.41 14.94
CA MET B 55 6.85 2.00 15.99
C MET B 55 5.66 1.22 15.38
N LEU B 56 5.11 1.73 14.30
CA LEU B 56 4.00 1.07 13.64
C LEU B 56 4.38 -0.34 13.21
N LEU B 57 5.56 -0.47 12.61
CA LEU B 57 6.04 -1.77 12.13
C LEU B 57 6.08 -2.75 13.30
N LEU B 58 6.60 -2.28 14.43
CA LEU B 58 6.74 -3.11 15.61
C LEU B 58 5.40 -3.57 16.14
N GLU B 59 4.40 -2.67 16.13
CA GLU B 59 3.04 -3.05 16.54
C GLU B 59 2.50 -4.14 15.64
N VAL B 60 2.65 -3.96 14.34
CA VAL B 60 2.08 -4.94 13.39
C VAL B 60 2.71 -6.30 13.60
N ILE B 61 4.03 -6.37 13.70
CA ILE B 61 4.66 -7.69 13.78
C ILE B 61 4.55 -8.39 15.12
N SER B 62 4.50 -7.61 16.18
CA SER B 62 4.44 -8.16 17.51
C SER B 62 3.01 -8.47 17.92
N GLY B 63 2.06 -7.71 17.37
CA GLY B 63 0.67 -7.74 17.83
C GLY B 63 0.42 -6.94 19.11
N GLU B 64 1.42 -6.20 19.58
CA GLU B 64 1.28 -5.42 20.81
C GLU B 64 1.16 -3.93 20.54
N ARG B 65 0.65 -3.21 21.53
CA ARG B 65 0.54 -1.76 21.46
C ARG B 65 1.81 -1.17 22.03
N LEU B 66 2.38 -0.21 21.31
CA LEU B 66 3.48 0.65 21.83
C LEU B 66 2.88 1.96 22.40
N PRO B 67 3.67 2.74 23.16
CA PRO B 67 3.22 4.05 23.65
C PRO B 67 2.88 4.95 22.48
N LYS B 68 1.97 5.89 22.71
CA LYS B 68 1.54 6.77 21.66
C LYS B 68 2.71 7.60 21.17
N PRO B 69 2.85 7.71 19.84
CA PRO B 69 3.92 8.48 19.27
C PRO B 69 3.68 9.98 19.43
N ASP B 70 4.78 10.71 19.38
CA ASP B 70 4.79 12.16 19.33
C ASP B 70 4.79 12.63 17.85
N ARG B 71 3.83 13.48 17.47
CA ARG B 71 3.64 13.92 16.07
C ARG B 71 4.51 15.13 15.66
N GLY B 72 5.11 15.80 16.66
CA GLY B 72 6.04 16.93 16.45
C GLY B 72 7.18 16.64 15.51
N LYS B 73 7.68 17.69 14.88
CA LYS B 73 8.61 17.61 13.74
C LYS B 73 10.08 17.76 14.13
N MET B 74 10.34 18.30 15.31
CA MET B 74 11.71 18.55 15.77
C MET B 74 12.46 17.28 16.18
N ARG B 75 13.78 17.42 16.25
CA ARG B 75 14.67 16.32 16.52
C ARG B 75 14.31 15.61 17.84
N PHE B 76 13.90 16.36 18.86
CA PHE B 76 13.56 15.77 20.18
C PHE B 76 12.31 14.86 20.16
N HIS B 77 11.38 15.17 19.28
CA HIS B 77 10.22 14.31 19.08
C HIS B 77 10.63 12.98 18.45
N LYS B 78 11.60 13.04 17.53
CA LYS B 78 12.07 11.85 16.84
C LYS B 78 12.83 10.96 17.78
N ILE B 79 13.65 11.59 18.62
CA ILE B 79 14.40 10.86 19.65
C ILE B 79 13.46 10.05 20.52
N ALA B 80 12.40 10.71 21.02
CA ALA B 80 11.38 10.07 21.87
C ALA B 80 10.74 8.87 21.19
N ASN B 81 10.32 9.07 19.95
CA ASN B 81 9.69 7.97 19.18
C ASN B 81 10.63 6.81 18.88
N VAL B 82 11.85 7.14 18.47
CA VAL B 82 12.81 6.10 18.17
C VAL B 82 13.17 5.32 19.46
N ASN B 83 13.23 6.00 20.61
CA ASN B 83 13.42 5.31 21.90
C ASN B 83 12.24 4.43 22.28
N LYS B 84 11.03 4.87 21.98
CA LYS B 84 9.89 3.99 22.17
C LYS B 84 10.11 2.66 21.44
N ALA B 85 10.52 2.74 20.17
CA ALA B 85 10.80 1.54 19.38
C ALA B 85 11.95 0.72 19.96
N LEU B 86 13.07 1.38 20.24
CA LEU B 86 14.27 0.71 20.73
C LEU B 86 14.12 0.14 22.14
N ASP B 87 13.45 0.87 23.02
CA ASP B 87 13.13 0.33 24.35
C ASP B 87 12.20 -0.86 24.24
N TYR B 88 11.22 -0.77 23.37
CA TYR B 88 10.36 -1.92 23.12
C TYR B 88 11.15 -3.16 22.67
N ILE B 89 12.00 -2.97 21.67
CA ILE B 89 12.85 -4.04 21.13
C ILE B 89 13.74 -4.63 22.23
N ALA B 90 14.35 -3.76 23.03
CA ALA B 90 15.18 -4.22 24.15
C ALA B 90 14.35 -4.99 25.19
N SER B 91 13.08 -4.61 25.36
CA SER B 91 12.14 -5.33 26.22
C SER B 91 11.85 -6.78 25.77
N LYS B 92 12.03 -7.07 24.49
CA LYS B 92 11.86 -8.42 23.93
C LYS B 92 13.19 -9.12 23.74
N GLY B 93 14.19 -8.73 24.54
CA GLY B 93 15.40 -9.50 24.67
C GLY B 93 16.36 -9.30 23.53
N VAL B 94 16.23 -8.18 22.80
CA VAL B 94 17.16 -7.81 21.75
C VAL B 94 18.19 -6.87 22.37
N LYS B 95 19.45 -7.32 22.45
CA LYS B 95 20.56 -6.50 22.96
C LYS B 95 21.17 -5.65 21.85
N LEU B 96 20.93 -4.34 21.93
CA LEU B 96 21.52 -3.34 21.04
C LEU B 96 22.92 -2.95 21.51
N VAL B 97 23.89 -3.10 20.63
CA VAL B 97 25.28 -2.80 20.98
C VAL B 97 25.65 -1.47 20.31
N SER B 98 25.89 -1.47 19.01
CA SER B 98 26.29 -0.28 18.26
C SER B 98 25.09 0.56 17.74
N ILE B 99 23.88 0.02 17.78
CA ILE B 99 22.71 0.73 17.30
C ILE B 99 22.23 1.67 18.40
N GLY B 100 22.20 2.96 18.09
CA GLY B 100 21.75 4.01 18.99
C GLY B 100 20.67 4.91 18.38
N THR B 101 19.87 5.50 19.24
CA THR B 101 18.74 6.37 18.88
C THR B 101 19.17 7.59 18.05
N GLU B 102 20.25 8.25 18.46
CA GLU B 102 20.68 9.50 17.79
C GLU B 102 21.08 9.22 16.35
N GLU B 103 21.76 8.11 16.11
CA GLU B 103 22.19 7.79 14.77
C GLU B 103 21.04 7.30 13.86
N ILE B 104 20.00 6.69 14.44
CA ILE B 104 18.80 6.36 13.68
C ILE B 104 18.07 7.66 13.36
N VAL B 105 17.92 8.54 14.34
CA VAL B 105 17.25 9.81 14.10
C VAL B 105 18.00 10.63 13.04
N ASP B 106 19.34 10.64 13.16
CA ASP B 106 20.19 11.42 12.25
C ASP B 106 20.29 10.85 10.84
N GLY B 107 20.18 9.53 10.68
CA GLY B 107 19.92 8.86 9.41
C GLY B 107 21.00 7.89 8.90
N ASN B 108 21.62 7.16 9.81
CA ASN B 108 22.75 6.32 9.51
C ASN B 108 22.31 5.06 8.71
N VAL B 109 22.78 4.97 7.47
CA VAL B 109 22.34 3.94 6.53
C VAL B 109 22.66 2.55 7.06
N LYS B 110 23.94 2.31 7.36
CA LYS B 110 24.38 1.01 7.89
C LYS B 110 23.62 0.63 9.14
N MET B 111 23.57 1.55 10.10
CA MET B 111 22.92 1.29 11.38
C MET B 111 21.41 1.05 11.24
N THR B 112 20.77 1.77 10.33
CA THR B 112 19.34 1.63 10.10
C THR B 112 19.03 0.24 9.56
N LEU B 113 19.84 -0.22 8.61
CA LEU B 113 19.75 -1.58 8.11
C LEU B 113 20.00 -2.62 9.21
N GLY B 114 21.04 -2.40 10.02
CA GLY B 114 21.34 -3.28 11.15
C GLY B 114 20.17 -3.39 12.12
N MET B 115 19.52 -2.27 12.42
CA MET B 115 18.35 -2.23 13.33
C MET B 115 17.19 -3.04 12.81
N ILE B 116 16.86 -2.83 11.53
CA ILE B 116 15.79 -3.58 10.87
C ILE B 116 16.15 -5.06 10.80
N TRP B 117 17.42 -5.40 10.57
CA TRP B 117 17.83 -6.81 10.60
C TRP B 117 17.55 -7.41 11.98
N THR B 118 17.86 -6.70 13.05
CA THR B 118 17.58 -7.22 14.38
C THR B 118 16.09 -7.39 14.60
N ILE B 119 15.29 -6.49 14.06
CA ILE B 119 13.82 -6.66 14.12
C ILE B 119 13.35 -7.89 13.32
N ILE B 120 13.90 -8.08 12.12
CA ILE B 120 13.56 -9.22 11.28
C ILE B 120 13.97 -10.51 12.02
N LEU B 121 15.20 -10.50 12.52
CA LEU B 121 15.71 -11.64 13.26
C LEU B 121 14.82 -11.95 14.46
N ARG B 122 14.43 -10.93 15.23
CA ARG B 122 13.67 -11.19 16.46
C ARG B 122 12.26 -11.66 16.16
N PHE B 123 11.64 -11.05 15.15
CA PHE B 123 10.20 -11.21 14.95
C PHE B 123 9.80 -12.18 13.83
N ALA B 124 10.63 -12.32 12.80
CA ALA B 124 10.37 -13.22 11.66
C ALA B 124 11.07 -14.58 11.76
N ILE B 125 12.21 -14.61 12.46
CA ILE B 125 13.08 -15.79 12.49
C ILE B 125 13.20 -16.43 13.88
N GLN B 126 13.38 -15.65 14.95
CA GLN B 126 13.70 -16.17 16.28
C GLN B 126 12.81 -17.33 16.76
N ASP B 127 11.51 -17.20 16.51
CA ASP B 127 10.50 -18.14 16.99
C ASP B 127 10.24 -19.34 16.07
N ILE B 128 10.96 -19.44 14.95
CA ILE B 128 10.91 -20.64 14.11
C ILE B 128 11.60 -21.72 14.91
N SER B 129 10.88 -22.80 15.19
CA SER B 129 11.48 -23.95 15.87
C SER B 129 11.11 -25.22 15.13
N VAL B 130 12.15 -25.90 14.66
CA VAL B 130 12.02 -27.12 13.88
C VAL B 130 12.97 -28.18 14.42
N GLU B 131 12.40 -29.29 14.86
CA GLU B 131 13.17 -30.42 15.44
C GLU B 131 14.22 -29.93 16.43
N GLU B 132 13.75 -29.19 17.44
CA GLU B 132 14.56 -28.75 18.57
C GLU B 132 15.66 -27.75 18.19
N THR B 133 15.47 -27.11 17.02
CA THR B 133 16.43 -26.23 16.42
C THR B 133 15.67 -24.94 16.09
N SER B 134 16.21 -23.81 16.53
CA SER B 134 15.46 -22.56 16.47
C SER B 134 16.17 -21.51 15.63
N ALA B 135 15.45 -20.43 15.33
CA ALA B 135 16.02 -19.25 14.68
C ALA B 135 16.64 -19.60 13.30
N LYS B 136 17.82 -19.06 12.99
CA LYS B 136 18.49 -19.29 11.73
C LYS B 136 18.66 -20.77 11.43
N GLU B 137 19.17 -21.50 12.41
CA GLU B 137 19.47 -22.91 12.27
C GLU B 137 18.20 -23.73 12.06
N GLY B 138 17.12 -23.33 12.71
CA GLY B 138 15.84 -23.94 12.54
C GLY B 138 15.24 -23.73 11.15
N LEU B 139 15.29 -22.48 10.68
CA LEU B 139 14.87 -22.18 9.32
C LEU B 139 15.67 -22.97 8.31
N LEU B 140 16.98 -23.03 8.51
CA LEU B 140 17.85 -23.78 7.60
C LEU B 140 17.47 -25.23 7.46
N LEU B 141 17.27 -25.89 8.63
CA LEU B 141 16.83 -27.28 8.74
C LEU B 141 15.50 -27.52 8.04
N TRP B 142 14.53 -26.64 8.29
CA TRP B 142 13.25 -26.67 7.60
C TRP B 142 13.47 -26.65 6.08
N CYS B 143 14.32 -25.75 5.58
CA CYS B 143 14.63 -25.69 4.14
C CYS B 143 15.27 -26.97 3.61
N GLN B 144 16.22 -27.51 4.38
CA GLN B 144 16.87 -28.80 4.08
C GLN B 144 15.84 -29.95 3.98
N ARG B 145 14.99 -30.08 4.99
CA ARG B 145 13.90 -31.06 4.98
C ARG B 145 13.04 -30.93 3.75
N LYS B 146 12.51 -29.73 3.51
CA LYS B 146 11.57 -29.52 2.43
C LYS B 146 12.17 -29.70 1.05
N THR B 147 13.47 -29.43 0.89
CA THR B 147 14.15 -29.56 -0.40
C THR B 147 14.91 -30.89 -0.60
N ALA B 148 14.89 -31.79 0.41
CA ALA B 148 15.58 -33.08 0.32
C ALA B 148 15.26 -33.86 -0.96
N PRO B 149 13.96 -33.95 -1.34
CA PRO B 149 13.63 -34.64 -2.62
C PRO B 149 14.14 -34.03 -3.93
N TYR B 150 14.78 -32.86 -3.89
CA TYR B 150 15.17 -32.14 -5.10
C TYR B 150 16.68 -32.27 -5.29
N ARG B 151 17.07 -33.10 -6.26
CA ARG B 151 18.46 -33.52 -6.46
C ARG B 151 19.37 -32.37 -6.87
N ASN B 152 18.83 -31.43 -7.66
CA ASN B 152 19.57 -30.26 -8.13
C ASN B 152 19.61 -29.06 -7.14
N VAL B 153 19.28 -29.32 -5.87
CA VAL B 153 19.29 -28.32 -4.79
C VAL B 153 20.07 -28.92 -3.65
N ASN B 154 20.99 -28.14 -3.08
CA ASN B 154 21.65 -28.51 -1.85
C ASN B 154 21.78 -27.28 -0.90
N ILE B 155 20.85 -27.16 0.05
CA ILE B 155 20.84 -26.04 0.99
C ILE B 155 21.83 -26.28 2.14
N GLN B 156 22.95 -25.55 2.10
CA GLN B 156 23.98 -25.60 3.12
C GLN B 156 24.06 -24.31 3.94
N ASN B 157 23.36 -23.28 3.47
CA ASN B 157 23.55 -21.91 3.91
C ASN B 157 22.42 -21.04 3.34
N PHE B 158 22.48 -19.76 3.68
CA PHE B 158 21.52 -18.78 3.20
C PHE B 158 22.11 -17.80 2.20
N HIS B 159 23.09 -18.25 1.41
CA HIS B 159 23.69 -17.42 0.38
C HIS B 159 23.87 -18.18 -0.93
N THR B 160 25.01 -18.81 -1.10
CA THR B 160 25.37 -19.45 -2.35
C THR B 160 24.40 -20.56 -2.68
N SER B 161 23.83 -21.21 -1.66
CA SER B 161 22.87 -22.30 -1.90
C SER B 161 21.57 -21.88 -2.53
N TRP B 162 21.29 -20.58 -2.53
CA TRP B 162 20.08 -20.04 -3.10
C TRP B 162 20.27 -19.28 -4.43
N LYS B 163 21.53 -19.08 -4.85
CA LYS B 163 21.91 -18.25 -6.05
C LYS B 163 21.29 -18.61 -7.40
N ASP B 164 21.05 -19.90 -7.63
CA ASP B 164 20.53 -20.34 -8.94
C ASP B 164 19.01 -20.38 -9.01
N GLY B 165 18.33 -19.99 -7.93
CA GLY B 165 16.89 -19.93 -7.86
C GLY B 165 16.13 -21.23 -7.68
N LEU B 166 16.83 -22.36 -7.67
CA LEU B 166 16.16 -23.64 -7.66
C LEU B 166 15.63 -23.96 -6.28
N GLY B 167 16.38 -23.60 -5.23
CA GLY B 167 15.91 -23.78 -3.84
C GLY B 167 14.55 -23.14 -3.59
N LEU B 168 14.40 -21.90 -4.05
CA LEU B 168 13.13 -21.17 -3.96
C LEU B 168 11.99 -21.85 -4.73
N CYS B 169 12.27 -22.26 -5.97
CA CYS B 169 11.29 -22.98 -6.80
C CYS B 169 10.96 -24.34 -6.17
N ALA B 170 11.97 -24.99 -5.60
CA ALA B 170 11.76 -26.24 -4.85
C ALA B 170 10.79 -26.02 -3.69
N LEU B 171 10.97 -24.94 -2.92
CA LEU B 171 10.13 -24.72 -1.72
C LEU B 171 8.68 -24.54 -2.10
N ILE B 172 8.46 -23.78 -3.17
CA ILE B 172 7.14 -23.60 -3.74
C ILE B 172 6.58 -24.95 -4.19
N HIS B 173 7.34 -25.69 -5.00
CA HIS B 173 6.87 -26.98 -5.55
C HIS B 173 6.51 -28.02 -4.47
N ARG B 174 7.31 -28.08 -3.42
CA ARG B 174 7.06 -29.00 -2.33
C ARG B 174 5.70 -28.80 -1.66
N HIS B 175 5.28 -27.55 -1.53
CA HIS B 175 3.99 -27.24 -0.89
C HIS B 175 2.84 -27.02 -1.88
N ARG B 176 3.18 -26.55 -3.08
CA ARG B 176 2.20 -26.12 -4.09
C ARG B 176 2.68 -26.53 -5.48
N PRO B 177 2.74 -27.86 -5.74
CA PRO B 177 3.22 -28.38 -7.02
C PRO B 177 2.27 -28.04 -8.18
N ASP B 178 1.03 -27.67 -7.88
CA ASP B 178 0.12 -27.05 -8.84
C ASP B 178 0.64 -25.73 -9.43
N LEU B 179 1.34 -24.91 -8.64
CA LEU B 179 1.76 -23.57 -9.07
C LEU B 179 2.98 -23.53 -9.96
N ILE B 180 3.74 -24.62 -10.04
CA ILE B 180 5.03 -24.64 -10.75
C ILE B 180 5.37 -26.05 -11.23
N ASP B 181 5.96 -26.14 -12.43
CA ASP B 181 6.48 -27.40 -12.98
C ASP B 181 7.99 -27.46 -12.73
N TYR B 182 8.37 -28.13 -11.67
CA TYR B 182 9.78 -28.14 -11.25
C TYR B 182 10.73 -28.83 -12.25
N SER B 183 10.29 -29.93 -12.87
CA SER B 183 11.10 -30.73 -13.79
C SER B 183 11.50 -30.01 -15.10
N LYS B 184 10.78 -28.96 -15.47
CA LYS B 184 11.18 -28.09 -16.58
C LYS B 184 12.39 -27.22 -16.25
N LEU B 185 12.61 -26.92 -14.98
CA LEU B 185 13.64 -25.97 -14.56
C LEU B 185 15.04 -26.56 -14.55
N ASN B 186 16.04 -25.72 -14.74
CA ASN B 186 17.45 -26.13 -14.53
C ASN B 186 18.32 -24.95 -14.12
N LYS B 187 19.61 -25.22 -13.95
CA LYS B 187 20.60 -24.25 -13.49
C LYS B 187 21.08 -23.20 -14.57
N ASP B 188 20.66 -23.33 -15.84
CA ASP B 188 21.15 -22.46 -16.94
C ASP B 188 20.73 -20.99 -16.86
N ASP B 189 19.61 -20.76 -16.16
CA ASP B 189 18.89 -19.50 -16.13
C ASP B 189 18.60 -19.06 -14.67
N PRO B 190 19.65 -18.73 -13.88
CA PRO B 190 19.45 -18.36 -12.47
C PRO B 190 18.54 -17.13 -12.28
N ILE B 191 18.70 -16.10 -13.07
CA ILE B 191 17.85 -14.93 -13.00
C ILE B 191 16.40 -15.32 -13.33
N GLY B 192 16.20 -16.17 -14.32
CA GLY B 192 14.87 -16.62 -14.69
C GLY B 192 14.19 -17.41 -13.59
N ASN B 193 14.96 -18.25 -12.90
CA ASN B 193 14.38 -19.05 -11.83
C ASN B 193 14.00 -18.20 -10.61
N ILE B 194 14.83 -17.23 -10.23
CA ILE B 194 14.53 -16.39 -9.07
C ILE B 194 13.26 -15.58 -9.36
N ASN B 195 13.18 -14.96 -10.54
CA ASN B 195 11.99 -14.19 -10.90
C ASN B 195 10.73 -15.01 -10.96
N LEU B 196 10.81 -16.20 -11.53
CA LEU B 196 9.68 -17.12 -11.54
C LEU B 196 9.16 -17.36 -10.11
N ALA B 197 10.08 -17.69 -9.21
CA ALA B 197 9.72 -17.95 -7.80
C ALA B 197 9.07 -16.73 -7.17
N MET B 198 9.65 -15.58 -7.42
CA MET B 198 9.13 -14.33 -6.89
C MET B 198 7.78 -13.95 -7.48
N GLU B 199 7.65 -14.11 -8.79
CA GLU B 199 6.38 -13.87 -9.49
C GLU B 199 5.33 -14.78 -8.91
N ILE B 200 5.64 -16.07 -8.81
CA ILE B 200 4.68 -17.04 -8.29
C ILE B 200 4.26 -16.68 -6.86
N ALA B 201 5.26 -16.39 -6.00
CA ALA B 201 5.00 -16.08 -4.60
C ALA B 201 4.13 -14.85 -4.46
N GLU B 202 4.42 -13.83 -5.24
CA GLU B 202 3.65 -12.60 -5.18
C GLU B 202 2.19 -12.83 -5.64
N LYS B 203 2.00 -13.47 -6.79
CA LYS B 203 0.64 -13.68 -7.32
C LYS B 203 -0.20 -14.60 -6.43
N HIS B 204 0.37 -15.74 -6.05
CA HIS B 204 -0.37 -16.81 -5.35
C HIS B 204 -0.23 -16.86 -3.84
N LEU B 205 0.89 -16.39 -3.28
CA LEU B 205 1.17 -16.54 -1.84
C LEU B 205 1.20 -15.25 -1.00
N ASP B 206 0.93 -14.10 -1.62
CA ASP B 206 0.89 -12.83 -0.89
C ASP B 206 2.27 -12.52 -0.28
N ILE B 207 3.34 -12.95 -0.95
CA ILE B 207 4.69 -12.62 -0.49
C ILE B 207 5.21 -11.67 -1.55
N PRO B 208 5.44 -10.40 -1.18
CA PRO B 208 5.99 -9.47 -2.19
C PRO B 208 7.38 -9.89 -2.70
N LYS B 209 7.74 -9.38 -3.87
CA LYS B 209 9.05 -9.66 -4.44
C LYS B 209 10.08 -8.87 -3.65
N MET B 210 10.92 -9.58 -2.90
CA MET B 210 11.85 -8.92 -2.01
C MET B 210 13.30 -8.99 -2.43
N LEU B 211 13.65 -9.83 -3.38
CA LEU B 211 15.04 -10.02 -3.79
C LEU B 211 15.45 -9.26 -5.05
N ASP B 212 16.70 -8.86 -4.98
CA ASP B 212 17.44 -8.18 -6.00
C ASP B 212 18.05 -9.27 -6.92
N ALA B 213 17.26 -9.82 -7.84
CA ALA B 213 17.68 -10.99 -8.65
C ALA B 213 18.95 -10.73 -9.47
N GLU B 214 19.07 -9.51 -9.99
CA GLU B 214 20.25 -9.07 -10.72
C GLU B 214 21.51 -9.24 -9.86
N ASP B 215 21.49 -8.70 -8.64
CA ASP B 215 22.66 -8.73 -7.76
C ASP B 215 22.81 -10.02 -6.97
N ILE B 216 21.75 -10.83 -6.85
CA ILE B 216 21.93 -12.18 -6.32
C ILE B 216 22.88 -13.03 -7.21
N VAL B 217 22.69 -12.99 -8.53
CA VAL B 217 23.51 -13.83 -9.43
C VAL B 217 24.85 -13.20 -9.78
N ASN B 218 24.94 -11.87 -9.77
CA ASN B 218 26.14 -11.15 -10.20
C ASN B 218 27.14 -10.86 -9.11
N THR B 219 27.01 -11.50 -7.95
CA THR B 219 28.04 -11.49 -6.92
C THR B 219 28.36 -12.92 -6.54
N PRO B 220 29.62 -13.19 -6.16
CA PRO B 220 29.98 -14.54 -5.73
C PRO B 220 29.12 -15.05 -4.56
N LYS B 221 28.89 -14.21 -3.56
CA LYS B 221 28.18 -14.62 -2.37
C LYS B 221 27.08 -13.65 -2.03
N PRO B 222 25.82 -14.00 -2.35
CA PRO B 222 24.75 -13.06 -2.03
C PRO B 222 24.55 -12.81 -0.52
N ASP B 223 23.86 -11.71 -0.21
CA ASP B 223 23.62 -11.33 1.18
C ASP B 223 22.69 -12.28 1.95
N GLU B 224 23.21 -12.90 3.00
CA GLU B 224 22.45 -13.89 3.74
C GLU B 224 21.30 -13.31 4.55
N ARG B 225 21.43 -12.07 5.00
CA ARG B 225 20.37 -11.44 5.77
C ARG B 225 19.15 -11.21 4.88
N ALA B 226 19.37 -10.67 3.68
CA ALA B 226 18.27 -10.55 2.71
C ALA B 226 17.57 -11.91 2.43
N ILE B 227 18.36 -12.94 2.14
CA ILE B 227 17.82 -14.22 1.72
C ILE B 227 17.02 -14.88 2.84
N MET B 228 17.63 -14.89 4.02
CA MET B 228 16.94 -15.28 5.21
C MET B 228 15.61 -14.57 5.39
N THR B 229 15.61 -13.25 5.25
CA THR B 229 14.38 -12.44 5.38
C THR B 229 13.31 -12.99 4.40
N TYR B 230 13.69 -13.14 3.13
CA TYR B 230 12.75 -13.58 2.10
C TYR B 230 12.30 -15.02 2.31
N VAL B 231 13.26 -15.90 2.60
CA VAL B 231 12.96 -17.32 2.83
C VAL B 231 12.09 -17.51 4.09
N SER B 232 12.26 -16.66 5.11
CA SER B 232 11.38 -16.72 6.29
C SER B 232 9.88 -16.49 5.93
N CYS B 233 9.62 -15.68 4.92
CA CYS B 233 8.26 -15.47 4.41
C CYS B 233 7.66 -16.77 3.87
N PHE B 234 8.47 -17.61 3.21
CA PHE B 234 7.98 -18.91 2.71
C PHE B 234 7.64 -19.83 3.86
N TYR B 235 8.55 -19.89 4.83
CA TYR B 235 8.29 -20.62 6.08
C TYR B 235 6.95 -20.23 6.67
N HIS B 236 6.73 -18.93 6.89
CA HIS B 236 5.49 -18.45 7.50
C HIS B 236 4.23 -18.64 6.62
N ALA B 237 4.39 -18.48 5.31
CA ALA B 237 3.28 -18.69 4.39
C ALA B 237 2.82 -20.15 4.41
N PHE B 238 3.78 -21.09 4.41
CA PHE B 238 3.48 -22.54 4.44
C PHE B 238 3.30 -23.18 5.84
N ALA B 239 3.35 -22.36 6.90
CA ALA B 239 3.01 -22.79 8.27
C ALA B 239 1.72 -22.13 8.72
#